data_5HAG
#
_entry.id   5HAG
#
_cell.length_a   133.292
_cell.length_b   133.292
_cell.length_c   133.292
_cell.angle_alpha   90.00
_cell.angle_beta   90.00
_cell.angle_gamma   90.00
#
_symmetry.space_group_name_H-M   'I 2 3'
#
loop_
_entity.id
_entity.type
_entity.pdbx_description
1 polymer 'Deubiquitinase and deneddylase Dub1'
2 non-polymer GLYCEROL
3 water water
#
_entity_poly.entity_id   1
_entity_poly.type   'polypeptide(L)'
_entity_poly.pdbx_seq_one_letter_code
;GPVKTQEDLLPLVPEQVFVEMYEDMARRQTIEALVPAWDSDIIFKCLCYFHTLYPGLIPLETFPPATIFNFKQKIISILE
DKKAVLRGEPIKGPLPICCSKENYRRHLQRTTLLPVFMWYHPTPKTLSDTMQTMKQLAIKGSVGASHWLLVIVDIQARRL
VYFDSLYNYVMPPENMKKELQSFAQQLDQVYPAYDSKKFSVKIAAKEVIQRGSGSSCGAWCCQFLHWYLKDPLTDALNDL
PVDSVERHENLASFVQACEAAVQDLPELSWPEA
;
_entity_poly.pdbx_strand_id   A
#
loop_
_chem_comp.id
_chem_comp.type
_chem_comp.name
_chem_comp.formula
GOL non-polymer GLYCEROL 'C3 H8 O3'
#
# COMPACT_ATOMS: atom_id res chain seq x y z
N ASP A 8 0.77 14.43 56.28
CA ASP A 8 0.66 13.19 55.53
C ASP A 8 2.00 12.80 54.88
N LEU A 9 2.33 11.52 54.96
CA LEU A 9 3.56 10.98 54.39
C LEU A 9 3.64 11.20 52.88
N LEU A 10 4.81 11.65 52.41
CA LEU A 10 5.04 11.88 50.99
C LEU A 10 5.12 10.56 50.22
N PRO A 11 4.50 10.50 49.03
CA PRO A 11 4.61 9.32 48.17
C PRO A 11 6.06 9.11 47.71
N LEU A 12 6.50 7.87 47.63
CA LEU A 12 7.84 7.57 47.12
C LEU A 12 7.94 7.84 45.61
N VAL A 13 8.90 8.68 45.23
CA VAL A 13 9.23 8.89 43.82
C VAL A 13 10.47 8.05 43.50
N PRO A 14 10.30 6.94 42.78
CA PRO A 14 11.40 6.02 42.51
C PRO A 14 12.52 6.64 41.68
N GLU A 15 13.75 6.18 41.86
CA GLU A 15 14.88 6.67 41.06
C GLU A 15 14.96 5.92 39.74
N GLN A 16 13.78 5.70 39.14
CA GLN A 16 13.67 5.17 37.79
C GLN A 16 12.66 6.06 37.05
N VAL A 17 13.21 6.98 36.25
CA VAL A 17 12.41 7.99 35.56
C VAL A 17 11.37 7.40 34.60
N PHE A 18 11.67 6.25 34.01
CA PHE A 18 10.80 5.69 32.96
C PHE A 18 10.00 4.45 33.35
N VAL A 19 10.11 4.00 34.60
CA VAL A 19 9.56 2.70 34.99
C VAL A 19 8.06 2.55 34.71
N GLU A 20 7.31 3.64 34.86
CA GLU A 20 5.86 3.61 34.63
C GLU A 20 5.51 3.31 33.19
N MET A 21 6.48 3.48 32.29
CA MET A 21 6.26 3.24 30.87
C MET A 21 6.98 2.01 30.34
N TYR A 22 7.72 1.31 31.22
CA TYR A 22 8.54 0.16 30.82
C TYR A 22 7.80 -0.85 29.96
N GLU A 23 6.61 -1.23 30.38
CA GLU A 23 5.83 -2.25 29.69
C GLU A 23 5.47 -1.80 28.26
N ASP A 24 4.96 -0.59 28.13
CA ASP A 24 4.62 -0.06 26.82
C ASP A 24 5.86 0.10 25.96
N MET A 25 6.94 0.64 26.54
CA MET A 25 8.21 0.80 25.82
C MET A 25 8.76 -0.53 25.35
N ALA A 26 8.73 -1.55 26.21
CA ALA A 26 9.25 -2.85 25.83
C ALA A 26 8.46 -3.46 24.67
N ARG A 27 7.15 -3.30 24.70
CA ARG A 27 6.31 -3.85 23.64
C ARG A 27 6.57 -3.14 22.31
N ARG A 28 6.69 -1.82 22.36
CA ARG A 28 6.96 -1.04 21.15
C ARG A 28 8.36 -1.33 20.58
N GLN A 29 9.37 -1.40 21.45
CA GLN A 29 10.71 -1.77 21.01
C GLN A 29 10.72 -3.14 20.35
N THR A 30 10.03 -4.11 20.97
CA THR A 30 9.90 -5.46 20.43
C THR A 30 9.26 -5.42 19.03
N ILE A 31 8.18 -4.67 18.91
CA ILE A 31 7.46 -4.57 17.64
C ILE A 31 8.30 -3.87 16.56
N GLU A 32 8.93 -2.76 16.91
CA GLU A 32 9.81 -2.03 15.99
C GLU A 32 10.93 -2.91 15.46
N ALA A 33 11.45 -3.79 16.32
CA ALA A 33 12.53 -4.70 15.93
C ALA A 33 12.02 -5.84 15.04
N LEU A 34 10.79 -6.27 15.28
CA LEU A 34 10.22 -7.39 14.52
C LEU A 34 9.98 -7.02 13.05
N VAL A 35 9.40 -5.84 12.81
CA VAL A 35 9.06 -5.42 11.45
C VAL A 35 9.56 -4.00 11.19
N PRO A 36 10.78 -3.88 10.66
CA PRO A 36 11.29 -2.55 10.32
C PRO A 36 10.58 -1.95 9.10
N ALA A 37 10.88 -0.69 8.79
CA ALA A 37 10.21 0.02 7.71
C ALA A 37 10.49 -0.59 6.34
N TRP A 38 9.45 -0.66 5.52
CA TRP A 38 9.58 -1.05 4.12
C TRP A 38 9.39 0.21 3.27
N ASP A 39 10.41 0.56 2.48
CA ASP A 39 10.32 1.72 1.61
C ASP A 39 9.98 1.34 0.16
N SER A 40 10.02 2.33 -0.74
CA SER A 40 9.56 2.15 -2.11
C SER A 40 10.24 1.00 -2.87
N ASP A 41 11.56 0.89 -2.72
CA ASP A 41 12.33 -0.08 -3.49
C ASP A 41 11.97 -1.54 -3.15
N ILE A 42 11.87 -1.85 -1.85
CA ILE A 42 11.53 -3.23 -1.47
C ILE A 42 10.06 -3.54 -1.78
N ILE A 43 9.19 -2.54 -1.68
CA ILE A 43 7.80 -2.73 -2.05
C ILE A 43 7.70 -3.09 -3.53
N PHE A 44 8.46 -2.40 -4.37
CA PHE A 44 8.47 -2.68 -5.80
C PHE A 44 8.98 -4.08 -6.10
N LYS A 45 10.05 -4.49 -5.44
CA LYS A 45 10.58 -5.85 -5.58
C LYS A 45 9.54 -6.90 -5.19
N CYS A 46 8.82 -6.61 -4.11
CA CYS A 46 7.78 -7.49 -3.63
C CYS A 46 6.63 -7.61 -4.64
N LEU A 47 6.33 -6.51 -5.32
CA LEU A 47 5.28 -6.49 -6.34
C LEU A 47 5.69 -7.29 -7.57
N CYS A 48 6.95 -7.13 -7.98
CA CYS A 48 7.50 -7.91 -9.10
C CYS A 48 7.40 -9.40 -8.79
N TYR A 49 7.73 -9.76 -7.55
CA TYR A 49 7.63 -11.15 -7.11
C TYR A 49 6.17 -11.61 -7.13
N PHE A 50 5.28 -10.81 -6.56
CA PHE A 50 3.85 -11.14 -6.55
C PHE A 50 3.32 -11.37 -7.95
N HIS A 51 3.83 -10.62 -8.93
CA HIS A 51 3.39 -10.79 -10.32
C HIS A 51 3.71 -12.18 -10.88
N THR A 52 4.85 -12.73 -10.47
CA THR A 52 5.24 -14.07 -10.90
C THR A 52 4.27 -15.11 -10.35
N LEU A 53 3.69 -14.81 -9.19
CA LEU A 53 2.71 -15.69 -8.55
C LEU A 53 1.29 -15.42 -9.06
N TYR A 54 1.00 -14.16 -9.36
CA TYR A 54 -0.32 -13.75 -9.83
C TYR A 54 -0.19 -12.80 -11.02
N PRO A 55 -0.13 -13.37 -12.24
CA PRO A 55 0.11 -12.61 -13.48
C PRO A 55 -0.89 -11.47 -13.71
N GLY A 56 -2.03 -11.52 -13.05
CA GLY A 56 -3.02 -10.46 -13.18
C GLY A 56 -2.60 -9.17 -12.50
N LEU A 57 -1.64 -9.26 -11.58
CA LEU A 57 -1.13 -8.08 -10.89
C LEU A 57 -0.04 -7.40 -11.71
N ILE A 58 -0.23 -6.11 -12.00
CA ILE A 58 0.81 -5.33 -12.65
C ILE A 58 1.69 -4.66 -11.59
N PRO A 59 3.00 -4.91 -11.64
CA PRO A 59 3.90 -4.37 -10.62
C PRO A 59 4.22 -2.90 -10.84
N LEU A 60 3.24 -2.03 -10.57
CA LEU A 60 3.42 -0.59 -10.76
C LEU A 60 4.58 -0.04 -9.93
N GLU A 61 5.35 0.87 -10.52
CA GLU A 61 6.53 1.43 -9.85
C GLU A 61 6.15 2.38 -8.72
N THR A 62 6.92 2.32 -7.65
CA THR A 62 6.66 3.11 -6.44
C THR A 62 7.63 4.28 -6.33
N PHE A 63 8.23 4.67 -7.47
CA PHE A 63 9.20 5.75 -7.50
C PHE A 63 9.00 6.68 -8.69
N PRO A 64 8.41 7.86 -8.45
CA PRO A 64 7.90 8.28 -7.13
C PRO A 64 6.53 7.65 -6.86
N PRO A 65 6.17 7.48 -5.59
CA PRO A 65 4.88 6.84 -5.33
C PRO A 65 3.74 7.82 -5.58
N ALA A 66 2.53 7.28 -5.74
CA ALA A 66 1.34 8.11 -5.82
C ALA A 66 1.13 8.79 -4.47
N THR A 67 0.35 9.89 -4.48
CA THR A 67 -0.01 10.59 -3.25
C THR A 67 -1.50 10.82 -3.22
N ILE A 68 -1.97 11.46 -2.15
CA ILE A 68 -3.39 11.77 -2.01
C ILE A 68 -3.84 12.76 -3.08
N PHE A 69 -2.88 13.47 -3.67
CA PHE A 69 -3.19 14.52 -4.61
C PHE A 69 -3.30 14.04 -6.06
N ASN A 70 -2.70 12.88 -6.37
CA ASN A 70 -2.67 12.41 -7.75
C ASN A 70 -2.95 10.92 -7.98
N PHE A 71 -3.36 10.20 -6.93
CA PHE A 71 -3.60 8.76 -7.11
C PHE A 71 -4.74 8.47 -8.09
N LYS A 72 -5.77 9.32 -8.09
CA LYS A 72 -6.90 9.14 -8.98
C LYS A 72 -6.50 9.40 -10.43
N GLN A 73 -5.70 10.45 -10.64
CA GLN A 73 -5.22 10.76 -11.99
C GLN A 73 -4.31 9.65 -12.51
N LYS A 74 -3.48 9.08 -11.63
CA LYS A 74 -2.59 7.98 -12.04
C LYS A 74 -3.36 6.73 -12.40
N ILE A 75 -4.43 6.44 -11.66
CA ILE A 75 -5.24 5.27 -11.94
C ILE A 75 -5.98 5.44 -13.29
N ILE A 76 -6.56 6.62 -13.49
CA ILE A 76 -7.27 6.93 -14.74
C ILE A 76 -6.36 6.82 -15.97
N SER A 77 -5.14 7.35 -15.87
CA SER A 77 -4.14 7.24 -16.94
C SER A 77 -3.83 5.79 -17.28
N ILE A 78 -3.67 4.96 -16.24
CA ILE A 78 -3.35 3.55 -16.45
C ILE A 78 -4.51 2.81 -17.12
N LEU A 79 -5.73 3.06 -16.65
CA LEU A 79 -6.91 2.39 -17.19
C LEU A 79 -7.20 2.82 -18.64
N GLU A 80 -7.03 4.11 -18.92
CA GLU A 80 -7.18 4.62 -20.28
C GLU A 80 -6.12 4.02 -21.19
N ASP A 81 -4.90 3.83 -20.66
CA ASP A 81 -3.85 3.18 -21.44
C ASP A 81 -4.14 1.69 -21.67
N LYS A 82 -4.70 1.01 -20.67
CA LYS A 82 -5.10 -0.39 -20.84
C LYS A 82 -6.18 -0.51 -21.91
N LYS A 83 -7.12 0.42 -21.90
CA LYS A 83 -8.18 0.47 -22.90
C LYS A 83 -7.61 0.65 -24.30
N ALA A 84 -6.60 1.51 -24.41
CA ALA A 84 -5.94 1.74 -25.69
C ALA A 84 -5.24 0.48 -26.19
N VAL A 85 -4.45 -0.14 -25.31
CA VAL A 85 -3.71 -1.35 -25.65
C VAL A 85 -4.61 -2.46 -26.17
N LEU A 86 -5.77 -2.62 -25.55
CA LEU A 86 -6.74 -3.63 -25.97
C LEU A 86 -7.41 -3.29 -27.30
N ARG A 87 -7.20 -2.07 -27.77
CA ARG A 87 -7.78 -1.63 -29.04
C ARG A 87 -6.70 -1.34 -30.10
N GLY A 88 -5.44 -1.54 -29.74
CA GLY A 88 -4.34 -1.29 -30.66
C GLY A 88 -4.06 0.19 -30.89
N GLU A 89 -4.32 1.00 -29.87
CA GLU A 89 -4.15 2.45 -29.98
C GLU A 89 -2.94 2.92 -29.16
N PRO A 90 -2.45 4.15 -29.44
CA PRO A 90 -1.29 4.64 -28.69
C PRO A 90 -1.57 4.93 -27.22
N ILE A 91 -0.59 4.68 -26.35
CA ILE A 91 -0.72 5.00 -24.93
C ILE A 91 -0.23 6.43 -24.67
N LYS A 92 -0.85 7.11 -23.72
CA LYS A 92 -0.60 8.52 -23.47
C LYS A 92 -0.01 8.78 -22.08
N GLY A 93 -0.08 7.78 -21.21
CA GLY A 93 0.37 7.96 -19.84
C GLY A 93 1.88 7.97 -19.73
N PRO A 94 2.39 8.43 -18.57
CA PRO A 94 3.84 8.38 -18.30
C PRO A 94 4.30 6.94 -18.31
N LEU A 95 5.49 6.67 -18.87
CA LEU A 95 6.00 5.30 -18.96
C LEU A 95 6.88 4.97 -17.75
N PRO A 96 6.94 3.68 -17.38
CA PRO A 96 7.79 3.28 -16.25
C PRO A 96 9.27 3.38 -16.60
N ILE A 97 10.13 3.42 -15.58
CA ILE A 97 11.57 3.54 -15.77
C ILE A 97 12.22 2.20 -16.04
N CYS A 98 11.73 1.16 -15.37
CA CYS A 98 12.40 -0.14 -15.35
C CYS A 98 11.77 -1.16 -16.29
N CYS A 99 11.01 -0.69 -17.26
CA CYS A 99 10.28 -1.57 -18.17
C CYS A 99 10.34 -1.02 -19.59
N SER A 100 10.52 -1.89 -20.58
CA SER A 100 10.44 -1.44 -21.96
C SER A 100 9.00 -1.07 -22.28
N LYS A 101 8.80 -0.19 -23.27
CA LYS A 101 7.46 0.25 -23.62
C LYS A 101 6.60 -0.91 -24.14
N GLU A 102 7.24 -1.83 -24.84
CA GLU A 102 6.54 -3.00 -25.38
C GLU A 102 6.09 -3.96 -24.27
N ASN A 103 6.99 -4.23 -23.32
CA ASN A 103 6.65 -5.09 -22.18
C ASN A 103 5.57 -4.43 -21.31
N TYR A 104 5.63 -3.11 -21.18
CA TYR A 104 4.61 -2.36 -20.46
C TYR A 104 3.25 -2.52 -21.12
N ARG A 105 3.22 -2.50 -22.45
CA ARG A 105 1.99 -2.74 -23.19
C ARG A 105 1.42 -4.13 -22.91
N ARG A 106 2.30 -5.13 -22.83
CA ARG A 106 1.86 -6.49 -22.52
C ARG A 106 1.33 -6.63 -21.09
N HIS A 107 1.95 -5.94 -20.15
CA HIS A 107 1.47 -5.93 -18.76
C HIS A 107 0.08 -5.30 -18.70
N LEU A 108 -0.11 -4.19 -19.41
CA LEU A 108 -1.39 -3.51 -19.47
C LEU A 108 -2.47 -4.41 -20.07
N GLN A 109 -2.11 -5.16 -21.10
CA GLN A 109 -3.06 -6.05 -21.76
C GLN A 109 -3.50 -7.16 -20.81
N ARG A 110 -2.56 -7.63 -19.99
CA ARG A 110 -2.76 -8.77 -19.12
C ARG A 110 -3.37 -8.44 -17.75
N THR A 111 -3.11 -7.25 -17.23
CA THR A 111 -3.46 -6.95 -15.83
C THR A 111 -4.95 -6.93 -15.51
N THR A 112 -5.29 -7.43 -14.33
CA THR A 112 -6.65 -7.38 -13.82
C THR A 112 -6.70 -6.64 -12.49
N LEU A 113 -5.55 -6.19 -12.01
CA LEU A 113 -5.47 -5.59 -10.68
C LEU A 113 -4.32 -4.58 -10.55
N LEU A 114 -4.65 -3.35 -10.17
CA LEU A 114 -3.63 -2.32 -9.96
C LEU A 114 -3.37 -2.13 -8.47
N PRO A 115 -2.13 -2.43 -8.03
CA PRO A 115 -1.72 -2.20 -6.64
C PRO A 115 -1.15 -0.79 -6.50
N VAL A 116 -1.98 0.14 -6.05
CA VAL A 116 -1.56 1.54 -5.97
C VAL A 116 -1.15 1.93 -4.55
N PHE A 117 0.15 1.99 -4.31
CA PHE A 117 0.69 2.43 -3.03
C PHE A 117 0.76 3.95 -2.98
N MET A 118 0.17 4.54 -1.94
CA MET A 118 0.21 5.98 -1.78
C MET A 118 1.04 6.33 -0.54
N TRP A 119 1.96 7.26 -0.70
CA TRP A 119 2.76 7.75 0.42
C TRP A 119 2.12 9.04 0.93
N TYR A 120 1.86 9.12 2.22
CA TYR A 120 1.10 10.23 2.78
C TYR A 120 1.81 10.87 3.97
N HIS A 121 1.68 12.19 4.07
CA HIS A 121 2.13 12.94 5.25
C HIS A 121 1.16 14.09 5.49
N PRO A 122 0.74 14.30 6.76
CA PRO A 122 -0.25 15.31 7.14
C PRO A 122 0.13 16.73 6.74
N THR A 123 1.43 17.04 6.75
CA THR A 123 1.90 18.42 6.55
C THR A 123 1.83 18.97 5.11
N PRO A 124 2.38 18.24 4.11
CA PRO A 124 2.38 18.80 2.76
C PRO A 124 0.97 19.09 2.22
N LYS A 125 0.84 20.16 1.45
CA LYS A 125 -0.46 20.55 0.88
C LYS A 125 -0.47 20.40 -0.64
N THR A 126 0.68 20.10 -1.22
CA THR A 126 0.78 19.88 -2.67
C THR A 126 1.56 18.60 -2.98
N LEU A 127 1.49 18.18 -4.25
CA LEU A 127 2.26 17.05 -4.74
C LEU A 127 3.76 17.31 -4.54
N SER A 128 4.20 18.50 -4.92
CA SER A 128 5.61 18.88 -4.78
C SER A 128 6.07 18.93 -3.32
N ASP A 129 5.24 19.49 -2.45
CA ASP A 129 5.57 19.55 -1.02
C ASP A 129 5.74 18.14 -0.47
N THR A 130 4.89 17.22 -0.94
CA THR A 130 4.92 15.84 -0.49
C THR A 130 6.23 15.19 -0.93
N MET A 131 6.62 15.42 -2.18
CA MET A 131 7.86 14.85 -2.70
C MET A 131 9.06 15.41 -1.94
N GLN A 132 9.01 16.71 -1.65
CA GLN A 132 10.04 17.40 -0.88
C GLN A 132 10.16 16.82 0.52
N THR A 133 9.02 16.61 1.18
CA THR A 133 8.98 16.01 2.51
C THR A 133 9.56 14.60 2.48
N MET A 134 9.20 13.86 1.44
CA MET A 134 9.69 12.51 1.25
C MET A 134 11.23 12.47 1.18
N LYS A 135 11.80 13.47 0.51
CA LYS A 135 13.25 13.56 0.37
C LYS A 135 13.93 13.89 1.69
N GLN A 136 13.39 14.87 2.40
CA GLN A 136 13.92 15.29 3.70
C GLN A 136 13.99 14.12 4.70
N LEU A 137 12.90 13.37 4.79
CA LEU A 137 12.82 12.24 5.70
C LEU A 137 13.78 11.11 5.30
N ALA A 138 13.90 10.86 4.00
CA ALA A 138 14.72 9.75 3.51
C ALA A 138 16.21 9.89 3.85
N ILE A 139 16.73 11.10 3.70
CA ILE A 139 18.16 11.34 3.88
C ILE A 139 18.57 11.32 5.36
N LYS A 140 17.62 11.59 6.25
CA LYS A 140 17.86 11.48 7.69
C LYS A 140 17.41 10.12 8.22
N GLY A 141 16.87 9.30 7.32
CA GLY A 141 16.47 7.94 7.65
C GLY A 141 15.33 7.83 8.65
N SER A 142 14.40 8.78 8.61
CA SER A 142 13.27 8.78 9.53
C SER A 142 11.92 8.55 8.83
N VAL A 143 11.06 7.77 9.47
CA VAL A 143 9.68 7.58 9.03
C VAL A 143 8.84 8.82 9.37
N GLY A 144 9.02 9.32 10.59
CA GLY A 144 8.29 10.49 11.04
C GLY A 144 6.80 10.24 11.07
N ALA A 145 6.01 11.21 10.64
CA ALA A 145 4.57 11.07 10.58
C ALA A 145 4.08 10.54 9.24
N SER A 146 5.00 10.05 8.41
CA SER A 146 4.63 9.54 7.09
C SER A 146 3.96 8.19 7.21
N HIS A 147 3.23 7.79 6.18
CA HIS A 147 2.45 6.56 6.22
C HIS A 147 2.19 6.03 4.82
N TRP A 148 2.30 4.72 4.62
CA TRP A 148 1.91 4.07 3.37
C TRP A 148 0.45 3.67 3.41
N LEU A 149 -0.29 3.94 2.33
CA LEU A 149 -1.64 3.43 2.17
C LEU A 149 -1.71 2.61 0.89
N LEU A 150 -2.67 1.69 0.80
CA LEU A 150 -2.82 0.89 -0.40
C LEU A 150 -4.23 1.04 -0.98
N VAL A 151 -4.30 1.38 -2.26
CA VAL A 151 -5.56 1.31 -2.99
C VAL A 151 -5.46 0.21 -4.05
N ILE A 152 -6.27 -0.83 -3.89
CA ILE A 152 -6.34 -1.90 -4.88
C ILE A 152 -7.46 -1.58 -5.86
N VAL A 153 -7.12 -1.47 -7.14
CA VAL A 153 -8.13 -1.38 -8.19
C VAL A 153 -8.28 -2.76 -8.81
N ASP A 154 -9.27 -3.51 -8.32
CA ASP A 154 -9.57 -4.83 -8.87
C ASP A 154 -10.45 -4.63 -10.11
N ILE A 155 -9.84 -4.71 -11.29
CA ILE A 155 -10.55 -4.45 -12.53
C ILE A 155 -11.57 -5.55 -12.84
N GLN A 156 -11.19 -6.79 -12.60
CA GLN A 156 -12.03 -7.95 -12.88
C GLN A 156 -13.32 -7.93 -12.07
N ALA A 157 -13.21 -7.57 -10.80
CA ALA A 157 -14.37 -7.53 -9.91
C ALA A 157 -15.01 -6.14 -9.87
N ARG A 158 -14.39 -5.17 -10.54
CA ARG A 158 -14.80 -3.77 -10.47
C ARG A 158 -14.88 -3.33 -9.01
N ARG A 159 -13.78 -3.46 -8.28
CA ARG A 159 -13.77 -3.11 -6.87
C ARG A 159 -12.55 -2.28 -6.49
N LEU A 160 -12.79 -1.18 -5.79
CA LEU A 160 -11.73 -0.38 -5.19
C LEU A 160 -11.60 -0.77 -3.71
N VAL A 161 -10.44 -1.26 -3.31
CA VAL A 161 -10.21 -1.60 -1.91
C VAL A 161 -9.20 -0.63 -1.30
N TYR A 162 -9.61 0.05 -0.23
CA TYR A 162 -8.73 1.01 0.46
C TYR A 162 -8.23 0.41 1.77
N PHE A 163 -6.92 0.29 1.91
CA PHE A 163 -6.34 -0.26 3.13
C PHE A 163 -5.47 0.76 3.88
N ASP A 164 -5.94 1.17 5.05
CA ASP A 164 -5.18 2.01 5.97
C ASP A 164 -4.92 1.20 7.25
N SER A 165 -3.66 0.83 7.48
CA SER A 165 -3.30 0.05 8.66
C SER A 165 -3.46 0.84 9.96
N LEU A 166 -3.59 2.16 9.85
CA LEU A 166 -3.88 3.01 11.01
C LEU A 166 -5.35 3.42 11.04
N TYR A 167 -6.14 2.81 10.16
CA TYR A 167 -7.61 2.93 10.16
C TYR A 167 -8.19 4.27 9.69
N ASN A 168 -7.76 5.37 10.30
CA ASN A 168 -8.29 6.68 9.95
C ASN A 168 -7.23 7.78 9.91
N TYR A 169 -6.01 7.41 9.53
CA TYR A 169 -4.89 8.36 9.53
C TYR A 169 -5.10 9.55 8.60
N VAL A 170 -5.64 9.31 7.42
CA VAL A 170 -5.85 10.39 6.46
C VAL A 170 -7.14 11.17 6.77
N MET A 171 -8.21 10.41 6.96
CA MET A 171 -9.52 10.99 7.23
C MET A 171 -10.39 9.88 7.81
N PRO A 172 -11.57 10.24 8.36
CA PRO A 172 -12.47 9.19 8.83
C PRO A 172 -12.89 8.29 7.67
N PRO A 173 -13.11 6.99 7.93
CA PRO A 173 -13.40 6.02 6.86
C PRO A 173 -14.65 6.36 6.04
N GLU A 174 -15.62 7.06 6.63
CA GLU A 174 -16.81 7.46 5.86
C GLU A 174 -16.49 8.60 4.89
N ASN A 175 -15.53 9.45 5.24
CA ASN A 175 -15.11 10.51 4.34
C ASN A 175 -14.34 9.95 3.15
N MET A 176 -13.47 8.98 3.41
CA MET A 176 -12.74 8.29 2.34
C MET A 176 -13.69 7.46 1.48
N LYS A 177 -14.69 6.86 2.12
CA LYS A 177 -15.73 6.12 1.41
C LYS A 177 -16.42 7.03 0.39
N LYS A 178 -16.84 8.20 0.86
CA LYS A 178 -17.48 9.20 0.01
C LYS A 178 -16.63 9.58 -1.20
N GLU A 179 -15.35 9.92 -0.94
CA GLU A 179 -14.43 10.34 -1.99
C GLU A 179 -14.21 9.23 -3.00
N LEU A 180 -14.03 8.01 -2.50
CA LEU A 180 -13.80 6.85 -3.37
C LEU A 180 -15.06 6.44 -4.13
N GLN A 181 -16.22 6.74 -3.58
CA GLN A 181 -17.48 6.40 -4.24
C GLN A 181 -17.71 7.33 -5.44
N SER A 182 -17.38 8.62 -5.28
CA SER A 182 -17.41 9.56 -6.39
C SER A 182 -16.40 9.15 -7.47
N PHE A 183 -15.21 8.72 -7.05
CA PHE A 183 -14.18 8.29 -7.97
C PHE A 183 -14.62 7.04 -8.71
N ALA A 184 -15.30 6.15 -8.01
CA ALA A 184 -15.81 4.91 -8.59
C ALA A 184 -16.77 5.15 -9.76
N GLN A 185 -17.64 6.15 -9.64
CA GLN A 185 -18.58 6.43 -10.72
C GLN A 185 -17.90 7.18 -11.86
N GLN A 186 -16.76 7.81 -11.58
CA GLN A 186 -15.94 8.37 -12.64
C GLN A 186 -15.32 7.23 -13.43
N LEU A 187 -14.90 6.19 -12.73
CA LEU A 187 -14.29 5.03 -13.38
C LEU A 187 -15.29 4.26 -14.25
N ASP A 188 -16.57 4.34 -13.90
CA ASP A 188 -17.62 3.72 -14.70
C ASP A 188 -17.70 4.35 -16.10
N GLN A 189 -17.39 5.65 -16.17
CA GLN A 189 -17.35 6.35 -17.45
C GLN A 189 -16.02 6.14 -18.15
N VAL A 190 -14.93 6.17 -17.38
CA VAL A 190 -13.58 5.99 -17.91
C VAL A 190 -13.34 4.57 -18.40
N TYR A 191 -13.73 3.59 -17.59
CA TYR A 191 -13.50 2.19 -17.89
C TYR A 191 -14.82 1.41 -17.79
N PRO A 192 -15.72 1.63 -18.76
CA PRO A 192 -17.07 1.06 -18.63
C PRO A 192 -17.10 -0.46 -18.81
N ALA A 193 -18.11 -1.10 -18.25
CA ALA A 193 -18.28 -2.54 -18.37
C ALA A 193 -19.47 -2.87 -19.30
N TYR A 194 -19.42 -4.03 -19.95
CA TYR A 194 -20.47 -4.43 -20.88
C TYR A 194 -21.83 -4.54 -20.21
N ASP A 195 -21.86 -5.20 -19.05
CA ASP A 195 -23.11 -5.42 -18.32
C ASP A 195 -23.52 -4.25 -17.43
N SER A 196 -22.80 -3.13 -17.54
CA SER A 196 -23.06 -1.94 -16.74
C SER A 196 -22.97 -2.18 -15.23
N LYS A 197 -22.14 -3.15 -14.83
CA LYS A 197 -21.85 -3.35 -13.42
C LYS A 197 -21.02 -2.17 -12.92
N LYS A 198 -21.43 -1.61 -11.77
CA LYS A 198 -20.76 -0.44 -11.21
C LYS A 198 -19.54 -0.82 -10.36
N PHE A 199 -18.55 0.07 -10.31
CA PHE A 199 -17.43 -0.09 -9.39
C PHE A 199 -17.93 0.03 -7.97
N SER A 200 -17.58 -0.94 -7.13
CA SER A 200 -17.90 -0.86 -5.71
C SER A 200 -16.67 -0.44 -4.92
N VAL A 201 -16.89 0.01 -3.68
CA VAL A 201 -15.80 0.48 -2.84
C VAL A 201 -15.81 -0.28 -1.51
N LYS A 202 -14.64 -0.72 -1.07
CA LYS A 202 -14.50 -1.43 0.19
C LYS A 202 -13.43 -0.77 1.05
N ILE A 203 -13.82 -0.26 2.22
CA ILE A 203 -12.85 0.21 3.21
C ILE A 203 -12.42 -1.00 4.04
N ALA A 204 -11.18 -1.45 3.85
CA ALA A 204 -10.74 -2.73 4.41
C ALA A 204 -10.66 -2.77 5.94
N ALA A 205 -10.15 -1.70 6.53
CA ALA A 205 -9.86 -1.68 7.97
C ALA A 205 -11.00 -1.12 8.80
N LYS A 206 -11.46 -1.90 9.77
CA LYS A 206 -12.53 -1.46 10.68
C LYS A 206 -11.96 -0.94 12.00
N GLU A 207 -10.64 -1.10 12.18
CA GLU A 207 -9.95 -0.61 13.38
C GLU A 207 -8.45 -0.56 13.09
N VAL A 208 -7.67 -0.04 14.03
CA VAL A 208 -6.21 0.01 13.88
C VAL A 208 -5.61 -1.40 13.86
N ILE A 209 -4.83 -1.70 12.82
CA ILE A 209 -4.19 -3.00 12.66
C ILE A 209 -2.76 -2.92 13.15
N GLN A 210 -2.15 -1.76 12.93
CA GLN A 210 -0.73 -1.51 13.14
C GLN A 210 -0.40 -1.12 14.59
N ARG A 211 -1.21 -1.55 15.55
CA ARG A 211 -1.02 -1.16 16.96
C ARG A 211 0.38 -1.42 17.48
N GLY A 212 0.98 -0.39 18.08
CA GLY A 212 2.29 -0.50 18.70
C GLY A 212 3.48 -0.18 17.81
N SER A 213 3.22 0.11 16.54
CA SER A 213 4.32 0.33 15.59
C SER A 213 4.26 1.67 14.89
N GLY A 214 5.42 2.17 14.50
CA GLY A 214 5.51 3.37 13.68
C GLY A 214 6.22 3.10 12.38
N SER A 215 6.46 1.82 12.07
CA SER A 215 7.29 1.44 10.93
C SER A 215 6.77 0.25 10.12
N SER A 216 5.74 -0.44 10.59
CA SER A 216 5.28 -1.64 9.90
C SER A 216 4.24 -1.39 8.81
N CYS A 217 3.95 -0.13 8.50
CA CYS A 217 2.91 0.19 7.52
C CYS A 217 3.16 -0.41 6.14
N GLY A 218 4.38 -0.25 5.63
CA GLY A 218 4.73 -0.81 4.33
C GLY A 218 4.54 -2.31 4.23
N ALA A 219 5.01 -3.03 5.25
CA ALA A 219 4.85 -4.47 5.29
C ALA A 219 3.39 -4.89 5.42
N TRP A 220 2.62 -4.15 6.20
CA TRP A 220 1.19 -4.45 6.38
C TRP A 220 0.44 -4.36 5.04
N CYS A 221 0.74 -3.31 4.27
CA CYS A 221 0.11 -3.14 2.95
C CYS A 221 0.39 -4.31 2.03
N CYS A 222 1.63 -4.77 2.02
CA CYS A 222 2.01 -5.90 1.17
C CYS A 222 1.38 -7.19 1.66
N GLN A 223 1.24 -7.34 2.98
CA GLN A 223 0.62 -8.53 3.54
C GLN A 223 -0.86 -8.58 3.18
N PHE A 224 -1.54 -7.44 3.29
CA PHE A 224 -2.95 -7.37 2.94
C PHE A 224 -3.15 -7.66 1.45
N LEU A 225 -2.27 -7.10 0.63
CA LEU A 225 -2.33 -7.34 -0.81
C LEU A 225 -2.19 -8.82 -1.12
N HIS A 226 -1.25 -9.48 -0.46
CA HIS A 226 -1.02 -10.91 -0.69
C HIS A 226 -2.23 -11.72 -0.23
N TRP A 227 -2.86 -11.31 0.87
CA TRP A 227 -4.08 -11.96 1.35
C TRP A 227 -5.22 -11.76 0.34
N TYR A 228 -5.32 -10.56 -0.20
CA TYR A 228 -6.34 -10.25 -1.21
C TYR A 228 -6.11 -11.05 -2.49
N LEU A 229 -4.84 -11.23 -2.85
CA LEU A 229 -4.50 -11.99 -4.06
C LEU A 229 -4.86 -13.47 -3.90
N LYS A 230 -4.71 -14.00 -2.68
CA LYS A 230 -5.06 -15.39 -2.41
C LYS A 230 -6.58 -15.56 -2.38
N ASP A 231 -7.27 -14.51 -1.92
CA ASP A 231 -8.72 -14.53 -1.79
C ASP A 231 -9.27 -13.11 -1.73
N PRO A 232 -9.88 -12.65 -2.84
CA PRO A 232 -10.41 -11.28 -2.94
C PRO A 232 -11.58 -11.00 -2.01
N LEU A 233 -11.96 -12.01 -1.22
CA LEU A 233 -13.05 -11.85 -0.27
C LEU A 233 -12.54 -12.09 1.15
N THR A 234 -11.21 -12.12 1.28
CA THR A 234 -10.55 -12.40 2.56
C THR A 234 -11.06 -11.56 3.72
N ASP A 235 -11.24 -12.20 4.87
CA ASP A 235 -11.61 -11.50 6.09
C ASP A 235 -10.45 -11.63 7.08
N ALA A 236 -9.23 -11.72 6.55
CA ALA A 236 -8.03 -11.89 7.35
C ALA A 236 -7.84 -10.82 8.41
N LEU A 237 -8.32 -9.61 8.12
CA LEU A 237 -8.23 -8.50 9.07
C LEU A 237 -9.05 -8.74 10.33
N ASN A 238 -10.05 -9.63 10.22
CA ASN A 238 -10.88 -10.00 11.38
C ASN A 238 -10.31 -11.19 12.15
N ASP A 239 -9.56 -12.05 11.46
CA ASP A 239 -9.01 -13.26 12.06
C ASP A 239 -7.63 -13.01 12.66
N LEU A 240 -7.31 -11.74 12.90
CA LEU A 240 -6.02 -11.35 13.47
C LEU A 240 -5.97 -11.63 14.97
N PRO A 241 -4.78 -11.97 15.48
CA PRO A 241 -4.59 -12.11 16.93
C PRO A 241 -4.85 -10.77 17.62
N VAL A 242 -5.35 -10.81 18.84
CA VAL A 242 -5.63 -9.58 19.60
C VAL A 242 -4.34 -8.87 19.95
N ASP A 243 -3.33 -9.64 20.34
CA ASP A 243 -2.07 -9.08 20.82
C ASP A 243 -1.25 -8.39 19.72
N SER A 244 -0.84 -7.16 19.99
CA SER A 244 -0.06 -6.37 19.05
C SER A 244 1.26 -7.04 18.69
N VAL A 245 1.91 -7.66 19.68
CA VAL A 245 3.19 -8.31 19.46
C VAL A 245 3.03 -9.56 18.60
N GLU A 246 1.96 -10.32 18.82
CA GLU A 246 1.72 -11.54 18.05
C GLU A 246 1.40 -11.23 16.59
N ARG A 247 0.65 -10.15 16.35
CA ARG A 247 0.36 -9.70 14.99
C ARG A 247 1.66 -9.46 14.23
N HIS A 248 2.58 -8.77 14.88
CA HIS A 248 3.83 -8.38 14.22
C HIS A 248 4.87 -9.50 14.10
N GLU A 249 4.77 -10.54 14.93
CA GLU A 249 5.66 -11.69 14.73
C GLU A 249 5.17 -12.61 13.60
N ASN A 250 3.86 -12.61 13.37
CA ASN A 250 3.31 -13.23 12.17
C ASN A 250 3.69 -12.45 10.92
N LEU A 251 3.57 -11.12 11.00
CA LEU A 251 3.97 -10.25 9.89
C LEU A 251 5.46 -10.41 9.61
N ALA A 252 6.25 -10.57 10.67
CA ALA A 252 7.69 -10.74 10.55
C ALA A 252 8.08 -11.99 9.75
N SER A 253 7.31 -13.06 9.91
CA SER A 253 7.54 -14.28 9.14
C SER A 253 7.21 -14.05 7.67
N PHE A 254 6.12 -13.32 7.42
CA PHE A 254 5.75 -12.91 6.05
C PHE A 254 6.88 -12.12 5.41
N VAL A 255 7.36 -11.10 6.12
CA VAL A 255 8.45 -10.26 5.65
C VAL A 255 9.70 -11.07 5.32
N GLN A 256 10.08 -11.96 6.23
CA GLN A 256 11.27 -12.80 6.04
C GLN A 256 11.12 -13.72 4.83
N ALA A 257 9.94 -14.29 4.65
CA ALA A 257 9.67 -15.13 3.49
C ALA A 257 9.76 -14.33 2.19
N CYS A 258 9.21 -13.12 2.20
CA CYS A 258 9.24 -12.26 1.02
C CYS A 258 10.68 -11.85 0.67
N GLU A 259 11.45 -11.47 1.69
CA GLU A 259 12.82 -11.00 1.47
C GLU A 259 13.71 -12.11 0.93
N ALA A 260 13.43 -13.34 1.34
CA ALA A 260 14.15 -14.49 0.80
C ALA A 260 13.72 -14.77 -0.64
N ALA A 261 12.42 -14.64 -0.90
CA ALA A 261 11.86 -14.93 -2.21
C ALA A 261 12.37 -14.03 -3.33
N VAL A 262 12.74 -12.80 -2.99
CA VAL A 262 13.16 -11.80 -3.98
C VAL A 262 14.67 -11.58 -4.01
N GLN A 263 15.36 -12.17 -3.03
CA GLN A 263 16.81 -12.03 -2.88
C GLN A 263 17.58 -12.27 -4.18
N ASP A 264 17.19 -13.32 -4.91
CA ASP A 264 17.88 -13.70 -6.14
C ASP A 264 17.07 -13.35 -7.38
N LEU A 265 16.18 -12.37 -7.26
CA LEU A 265 15.40 -11.89 -8.40
C LEU A 265 16.06 -10.63 -8.97
N PRO A 266 15.93 -10.41 -10.30
CA PRO A 266 16.57 -9.26 -10.95
C PRO A 266 16.20 -7.91 -10.34
N GLU A 267 17.16 -6.99 -10.34
CA GLU A 267 17.03 -5.68 -9.70
C GLU A 267 16.56 -4.64 -10.71
N LEU A 268 15.58 -3.82 -10.31
CA LEU A 268 15.13 -2.69 -11.12
C LEU A 268 14.69 -3.10 -12.52
N SER A 269 13.96 -4.20 -12.62
CA SER A 269 13.43 -4.64 -13.91
C SER A 269 12.12 -5.39 -13.73
N TRP A 270 11.13 -5.06 -14.55
CA TRP A 270 9.86 -5.76 -14.53
C TRP A 270 10.03 -7.18 -15.05
N PRO A 271 9.30 -8.14 -14.46
CA PRO A 271 9.24 -9.48 -15.04
C PRO A 271 8.47 -9.44 -16.36
N GLU A 272 8.67 -10.44 -17.22
CA GLU A 272 7.89 -10.50 -18.46
C GLU A 272 6.41 -10.72 -18.13
N ALA A 273 5.54 -10.11 -18.92
CA ALA A 273 4.10 -10.11 -18.63
C ALA A 273 3.49 -11.49 -18.44
C1 GOL B . 2.02 3.23 -8.36
O1 GOL B . 1.52 4.49 -8.75
C2 GOL B . 2.01 3.11 -6.84
O2 GOL B . 2.89 4.08 -6.27
C3 GOL B . 2.42 1.72 -6.36
O3 GOL B . 2.47 0.77 -7.40
#